data_5NKS
#
_entry.id   5NKS
#
_cell.length_a   80.470
_cell.length_b   102.650
_cell.length_c   116.990
_cell.angle_alpha   90.00
_cell.angle_beta   90.00
_cell.angle_gamma   90.00
#
_symmetry.space_group_name_H-M   'I 2 2 2'
#
loop_
_entity.id
_entity.type
_entity.pdbx_description
1 polymer 'Dihydropyrimidinase-related protein 4'
2 water water
#
_entity_poly.entity_id   1
_entity_poly.type   'polypeptide(L)'
_entity_poly.pdbx_seq_one_letter_code
;SMSFQGKKSIPRITSDRLLIRGGRIVNDDQSFYADVHVEDGLIKQIGENLIVPGGIKTIDAHGLMVLPGGVDVHTRLQMP
VLGMTPADDFCQGTKAALAGGTTMILDHVFPDTGVSLLAAYEQWRERADSAACCDYSLHVDITRWHESIKEELEALVKEK
GVNSFLVFMAYKDRCQCSDSQMYEIFSIIRDLGALAQVHAENGDIVEEEQKRLLELGITGPEGHVLSHPEEVEAEAVYRA
VTIAKQANCPLYVTKVMSKGAADAIAQAKRRGVVVFGEPITASLGTDGSHYWSKNWAKAAAFVTSPPVNPDPTTADHLTC
LLSSGDLQVTGSAHCTFTTAQKAVGKDNFALIPEGTNGIEERMSMVWEKCVASGKMDENEFVAVTSTNAAKIFNFYPRKG
RVAVGSDADLVIWNPKATKIISAKTHNLNVEYNIFEGVECRGAPAVVISQGRVALEDGKMFVTPGAGRFVPRKTFPDFVY
KRIKARNRLAEIHGVPRGLYDGPVHEVMVPAKPGSGAPARASCPGKISVPPVRNLHQSGFSLSGSQADDHIARRTAQKIM
APPGGRSNITSLS
;
_entity_poly.pdbx_strand_id   A
#
# COMPACT_ATOMS: atom_id res chain seq x y z
N LYS A 7 26.35 28.64 -36.73
CA LYS A 7 26.44 27.56 -35.70
C LYS A 7 25.06 27.27 -35.09
N LYS A 8 24.76 25.99 -34.96
CA LYS A 8 23.58 25.48 -34.27
C LYS A 8 24.00 25.26 -32.80
N SER A 9 23.15 25.63 -31.84
CA SER A 9 23.24 25.19 -30.43
C SER A 9 22.22 24.03 -30.24
N ILE A 10 22.70 22.81 -29.99
CA ILE A 10 21.83 21.60 -30.01
C ILE A 10 21.44 21.15 -28.58
N PRO A 11 20.10 21.02 -28.30
CA PRO A 11 19.69 20.55 -26.96
C PRO A 11 19.97 19.06 -26.82
N ARG A 12 20.26 18.65 -25.59
CA ARG A 12 20.40 17.22 -25.31
C ARG A 12 19.02 16.57 -25.25
N ILE A 13 18.90 15.37 -25.83
CA ILE A 13 17.69 14.50 -25.79
C ILE A 13 18.00 13.40 -24.77
N THR A 14 17.17 13.31 -23.70
CA THR A 14 17.40 12.39 -22.57
C THR A 14 17.17 10.92 -22.98
N SER A 15 17.89 10.01 -22.32
CA SER A 15 17.85 8.54 -22.64
C SER A 15 16.72 7.69 -21.94
N ASP A 16 15.72 8.34 -21.33
CA ASP A 16 14.54 7.63 -20.76
C ASP A 16 13.51 7.34 -21.89
N ARG A 17 13.99 6.65 -22.94
CA ARG A 17 13.26 6.28 -24.17
C ARG A 17 13.48 4.79 -24.46
N LEU A 18 12.45 4.15 -24.95
CA LEU A 18 12.54 2.75 -25.29
C LEU A 18 11.31 2.38 -26.11
N LEU A 19 11.43 1.21 -26.75
CA LEU A 19 10.41 0.64 -27.60
C LEU A 19 10.15 -0.74 -27.05
N ILE A 20 8.89 -1.01 -26.66
CA ILE A 20 8.48 -2.36 -26.26
C ILE A 20 7.58 -2.94 -27.37
N ARG A 21 8.04 -4.03 -27.94
CA ARG A 21 7.43 -4.65 -29.09
C ARG A 21 6.77 -5.92 -28.70
N GLY A 22 5.58 -6.13 -29.24
CA GLY A 22 5.00 -7.46 -29.25
C GLY A 22 4.22 -7.86 -28.01
N GLY A 23 4.17 -6.99 -27.04
CA GLY A 23 3.46 -7.29 -25.80
C GLY A 23 1.93 -7.25 -25.93
N ARG A 24 1.31 -7.97 -25.02
CA ARG A 24 -0.12 -7.90 -24.75
C ARG A 24 -0.25 -6.82 -23.67
N ILE A 25 -0.75 -5.68 -24.06
CA ILE A 25 -0.96 -4.63 -23.14
C ILE A 25 -2.16 -4.99 -22.28
N VAL A 26 -1.99 -4.88 -20.97
CA VAL A 26 -3.12 -5.16 -20.06
C VAL A 26 -3.47 -3.96 -19.21
N ASN A 27 -4.62 -3.34 -19.47
CA ASN A 27 -5.16 -2.33 -18.64
C ASN A 27 -6.34 -2.87 -17.76
N ASP A 28 -6.93 -2.06 -16.92
CA ASP A 28 -7.97 -2.62 -16.06
C ASP A 28 -9.25 -2.87 -16.86
N ASP A 29 -9.41 -2.16 -18.00
CA ASP A 29 -10.60 -2.27 -18.84
C ASP A 29 -10.54 -3.28 -19.99
N GLN A 30 -9.34 -3.59 -20.51
CA GLN A 30 -9.17 -4.50 -21.65
C GLN A 30 -7.70 -4.80 -21.80
N SER A 31 -7.45 -5.82 -22.59
CA SER A 31 -6.13 -6.20 -23.00
C SER A 31 -6.14 -6.10 -24.52
N PHE A 32 -4.97 -5.79 -25.10
CA PHE A 32 -4.84 -5.68 -26.53
C PHE A 32 -3.37 -5.72 -26.93
N TYR A 33 -3.10 -6.06 -28.20
CA TYR A 33 -1.75 -6.23 -28.68
C TYR A 33 -1.28 -4.96 -29.36
N ALA A 34 -0.13 -4.42 -28.95
CA ALA A 34 0.43 -3.22 -29.55
C ALA A 34 1.82 -3.00 -29.03
N ASP A 35 2.55 -2.17 -29.80
CA ASP A 35 3.86 -1.77 -29.40
C ASP A 35 3.80 -0.52 -28.59
N VAL A 36 4.78 -0.32 -27.74
CA VAL A 36 4.77 0.87 -26.87
C VAL A 36 6.11 1.62 -27.02
N HIS A 37 5.97 2.89 -27.42
CA HIS A 37 7.05 3.88 -27.50
C HIS A 37 7.01 4.89 -26.34
N VAL A 38 8.08 4.84 -25.55
CA VAL A 38 8.35 5.69 -24.39
C VAL A 38 9.44 6.73 -24.79
N GLU A 39 9.23 7.96 -24.39
CA GLU A 39 10.15 9.06 -24.58
C GLU A 39 9.95 10.02 -23.44
N ASP A 40 11.09 10.55 -22.91
CA ASP A 40 11.08 11.49 -21.81
C ASP A 40 10.25 10.97 -20.61
N GLY A 41 10.36 9.69 -20.35
CA GLY A 41 9.69 9.12 -19.17
C GLY A 41 8.17 8.98 -19.30
N LEU A 42 7.63 9.18 -20.50
CA LEU A 42 6.23 9.13 -20.77
C LEU A 42 5.94 8.16 -21.89
N ILE A 43 4.72 7.61 -21.91
CA ILE A 43 4.28 6.78 -23.05
C ILE A 43 3.91 7.77 -24.19
N LYS A 44 4.62 7.68 -25.29
CA LYS A 44 4.47 8.63 -26.42
C LYS A 44 3.56 8.06 -27.51
N GLN A 45 3.67 6.79 -27.83
CA GLN A 45 2.81 6.14 -28.81
C GLN A 45 2.45 4.72 -28.38
N ILE A 46 1.26 4.30 -28.80
CA ILE A 46 0.83 2.93 -28.62
C ILE A 46 0.17 2.54 -29.95
N GLY A 47 0.65 1.47 -30.58
CA GLY A 47 0.15 1.08 -31.89
C GLY A 47 0.98 0.00 -32.55
N GLU A 48 0.65 -0.32 -33.82
CA GLU A 48 1.39 -1.25 -34.66
C GLU A 48 2.20 -0.42 -35.68
N ASN A 49 3.37 -0.91 -36.09
CA ASN A 49 4.19 -0.22 -37.14
C ASN A 49 4.46 1.20 -36.78
N LEU A 50 4.89 1.37 -35.53
CA LEU A 50 5.18 2.65 -35.01
C LEU A 50 6.44 3.22 -35.66
N ILE A 51 6.38 4.48 -36.04
CA ILE A 51 7.56 5.21 -36.51
C ILE A 51 8.42 5.70 -35.31
N VAL A 52 9.61 5.15 -35.17
CA VAL A 52 10.45 5.37 -34.00
C VAL A 52 11.92 5.55 -34.47
N PRO A 53 12.67 6.45 -33.81
CA PRO A 53 14.11 6.55 -34.05
C PRO A 53 14.88 5.23 -34.08
N GLY A 54 15.78 5.08 -35.05
CA GLY A 54 16.74 3.97 -35.06
C GLY A 54 17.68 4.16 -33.91
N GLY A 55 18.25 3.05 -33.42
CA GLY A 55 19.18 3.06 -32.27
C GLY A 55 18.53 2.76 -30.90
N ILE A 56 17.25 3.12 -30.77
CA ILE A 56 16.45 3.02 -29.51
C ILE A 56 16.55 1.66 -28.85
N LYS A 57 16.71 1.67 -27.54
CA LYS A 57 16.66 0.47 -26.76
C LYS A 57 15.28 -0.19 -27.05
N THR A 58 15.34 -1.49 -27.33
CA THR A 58 14.19 -2.24 -27.80
C THR A 58 14.06 -3.48 -26.97
N ILE A 59 12.87 -3.70 -26.43
CA ILE A 59 12.53 -4.86 -25.59
C ILE A 59 11.45 -5.68 -26.31
N ASP A 60 11.72 -6.97 -26.49
CA ASP A 60 10.80 -7.83 -27.15
C ASP A 60 9.94 -8.51 -26.06
N ALA A 61 8.67 -8.13 -25.98
CA ALA A 61 7.74 -8.58 -24.98
C ALA A 61 6.78 -9.66 -25.53
N HIS A 62 7.17 -10.36 -26.59
CA HIS A 62 6.26 -11.27 -27.26
C HIS A 62 5.96 -12.44 -26.40
N GLY A 63 4.69 -12.74 -26.24
CA GLY A 63 4.21 -13.86 -25.37
C GLY A 63 4.09 -13.37 -23.97
N LEU A 64 4.45 -12.12 -23.70
CA LEU A 64 4.39 -11.61 -22.32
C LEU A 64 3.37 -10.47 -22.27
N MET A 65 3.09 -10.00 -21.07
CA MET A 65 2.14 -8.90 -20.86
C MET A 65 2.89 -7.62 -20.53
N VAL A 66 2.31 -6.46 -20.86
CA VAL A 66 2.87 -5.20 -20.53
C VAL A 66 1.81 -4.53 -19.68
N LEU A 67 2.09 -4.33 -18.41
CA LEU A 67 1.07 -3.74 -17.56
C LEU A 67 1.55 -2.58 -16.75
N PRO A 68 0.61 -1.81 -16.19
CA PRO A 68 1.13 -0.69 -15.40
C PRO A 68 1.92 -1.20 -14.22
N GLY A 69 3.00 -0.49 -13.88
CA GLY A 69 3.68 -0.74 -12.65
C GLY A 69 2.79 -0.73 -11.41
N GLY A 70 3.10 -1.64 -10.48
CA GLY A 70 2.31 -1.67 -9.25
C GLY A 70 2.35 -0.37 -8.47
N VAL A 71 1.25 -0.05 -7.77
CA VAL A 71 1.15 1.08 -6.85
C VAL A 71 0.90 0.51 -5.49
N ASP A 72 1.91 0.57 -4.61
CA ASP A 72 1.75 0.04 -3.29
C ASP A 72 1.19 1.13 -2.42
N VAL A 73 -0.09 0.92 -2.06
CA VAL A 73 -0.81 1.88 -1.30
C VAL A 73 -0.42 2.04 0.16
N HIS A 74 0.47 1.18 0.67
CA HIS A 74 0.85 1.21 2.06
C HIS A 74 2.26 0.72 2.28
N THR A 75 3.14 1.67 2.59
CA THR A 75 4.48 1.34 3.09
C THR A 75 4.80 2.19 4.34
N ARG A 76 5.71 1.68 5.15
CA ARG A 76 6.10 2.31 6.41
C ARG A 76 7.61 2.16 6.56
N LEU A 77 8.31 2.71 5.59
CA LEU A 77 9.71 2.51 5.47
C LEU A 77 10.59 3.36 6.42
N GLN A 78 10.04 4.41 7.01
N GLN A 78 10.03 4.42 6.97
CA GLN A 78 10.79 5.29 7.90
CA GLN A 78 10.74 5.36 7.85
C GLN A 78 10.08 5.51 9.23
C GLN A 78 10.20 5.34 9.27
N MET A 79 9.02 4.76 9.50
CA MET A 79 8.27 4.99 10.72
C MET A 79 9.06 4.49 11.94
N PRO A 80 9.19 5.30 12.99
CA PRO A 80 9.84 4.77 14.22
C PRO A 80 8.86 3.85 14.97
N VAL A 81 9.31 2.70 15.44
CA VAL A 81 8.48 1.74 16.21
C VAL A 81 9.20 1.33 17.48
N LEU A 82 8.67 1.73 18.65
CA LEU A 82 9.36 1.50 19.95
C LEU A 82 10.80 2.00 19.90
N GLY A 83 11.00 3.19 19.33
CA GLY A 83 12.37 3.74 19.21
C GLY A 83 13.22 3.14 18.06
N MET A 84 12.69 2.15 17.31
CA MET A 84 13.51 1.40 16.32
C MET A 84 13.23 2.03 14.94
N THR A 85 14.26 2.14 14.12
CA THR A 85 14.15 2.56 12.74
C THR A 85 14.01 1.30 11.87
N PRO A 86 13.05 1.28 10.95
CA PRO A 86 12.95 0.05 10.11
C PRO A 86 14.22 -0.31 9.34
N ALA A 87 14.47 -1.58 9.26
CA ALA A 87 15.68 -2.11 8.57
C ALA A 87 15.73 -1.84 7.03
N ASP A 88 14.58 -1.81 6.34
CA ASP A 88 14.50 -1.46 4.91
C ASP A 88 14.03 -0.05 4.86
N ASP A 89 14.95 0.85 4.56
CA ASP A 89 14.66 2.28 4.54
C ASP A 89 14.20 2.69 3.15
N PHE A 90 14.09 3.96 2.86
CA PHE A 90 13.46 4.34 1.62
C PHE A 90 14.16 3.83 0.37
N CYS A 91 15.48 3.80 0.43
CA CYS A 91 16.31 3.30 -0.62
C CYS A 91 16.19 1.77 -0.81
N GLN A 92 16.36 1.00 0.25
CA GLN A 92 16.25 -0.45 0.13
C GLN A 92 14.81 -0.92 -0.18
N GLY A 93 13.83 -0.29 0.48
CA GLY A 93 12.39 -0.55 0.29
C GLY A 93 11.99 -0.32 -1.19
N THR A 94 12.39 0.80 -1.77
CA THR A 94 11.98 1.09 -3.12
C THR A 94 12.72 0.21 -4.13
N LYS A 95 13.95 -0.19 -3.81
CA LYS A 95 14.64 -1.14 -4.63
C LYS A 95 13.88 -2.49 -4.60
N ALA A 96 13.48 -2.92 -3.42
CA ALA A 96 12.77 -4.16 -3.27
C ALA A 96 11.40 -4.10 -4.01
N ALA A 97 10.75 -2.96 -3.91
CA ALA A 97 9.52 -2.72 -4.62
C ALA A 97 9.70 -2.93 -6.18
N LEU A 98 10.60 -2.17 -6.78
CA LEU A 98 10.96 -2.32 -8.18
C LEU A 98 11.28 -3.78 -8.53
N ALA A 99 12.07 -4.47 -7.71
CA ALA A 99 12.33 -5.89 -7.99
C ALA A 99 11.08 -6.75 -8.08
N GLY A 100 10.02 -6.35 -7.37
CA GLY A 100 8.78 -7.10 -7.47
C GLY A 100 7.71 -6.49 -8.36
N GLY A 101 8.06 -5.51 -9.18
CA GLY A 101 7.17 -4.98 -10.12
C GLY A 101 6.30 -3.82 -9.63
N THR A 102 6.67 -3.25 -8.49
CA THR A 102 6.00 -2.04 -7.99
C THR A 102 6.85 -0.83 -8.30
N THR A 103 6.24 0.19 -8.92
CA THR A 103 6.93 1.40 -9.34
C THR A 103 6.49 2.64 -8.64
N MET A 104 5.52 2.53 -7.76
CA MET A 104 5.13 3.65 -6.94
C MET A 104 4.71 3.16 -5.57
N ILE A 105 5.12 3.91 -4.56
CA ILE A 105 4.78 3.58 -3.15
C ILE A 105 4.12 4.78 -2.50
N LEU A 106 3.24 4.51 -1.54
CA LEU A 106 2.60 5.53 -0.73
C LEU A 106 3.00 5.24 0.69
N ASP A 107 3.93 6.04 1.19
CA ASP A 107 4.49 5.85 2.50
C ASP A 107 3.79 6.73 3.56
N HIS A 108 3.72 6.21 4.76
CA HIS A 108 3.12 6.87 5.89
C HIS A 108 4.13 7.70 6.69
N VAL A 109 3.83 8.98 6.69
CA VAL A 109 4.49 9.96 7.55
C VAL A 109 3.92 9.79 8.95
N PHE A 110 4.81 9.54 9.91
CA PHE A 110 4.42 9.26 11.29
C PHE A 110 5.25 10.20 12.22
N PRO A 111 4.62 11.26 12.72
CA PRO A 111 5.34 12.22 13.58
C PRO A 111 5.71 11.59 14.88
N ASP A 112 6.98 11.69 15.20
CA ASP A 112 7.44 11.33 16.54
C ASP A 112 6.82 12.27 17.62
N THR A 113 6.87 11.90 18.89
CA THR A 113 6.26 12.74 19.93
C THR A 113 6.93 14.14 19.96
N GLY A 114 6.09 15.13 20.16
CA GLY A 114 6.54 16.49 20.07
C GLY A 114 6.68 17.06 18.65
N VAL A 115 6.49 16.26 17.58
CA VAL A 115 6.74 16.71 16.20
C VAL A 115 5.39 16.98 15.52
N SER A 116 5.28 18.13 14.86
CA SER A 116 4.04 18.49 14.20
C SER A 116 3.93 17.68 12.91
N LEU A 117 2.75 17.72 12.32
CA LEU A 117 2.55 17.03 11.07
C LEU A 117 3.39 17.64 9.99
N LEU A 118 3.48 18.97 9.93
CA LEU A 118 4.23 19.61 8.86
C LEU A 118 5.69 19.32 9.00
N ALA A 119 6.19 19.34 10.23
CA ALA A 119 7.58 19.04 10.42
C ALA A 119 7.90 17.61 10.04
N ALA A 120 7.08 16.67 10.44
CA ALA A 120 7.29 15.27 10.04
C ALA A 120 7.22 15.11 8.48
N TYR A 121 6.27 15.80 7.85
CA TYR A 121 6.18 15.77 6.41
C TYR A 121 7.49 16.23 5.79
N GLU A 122 8.05 17.33 6.31
CA GLU A 122 9.30 17.83 5.75
C GLU A 122 10.48 16.82 5.99
N GLN A 123 10.54 16.18 7.15
CA GLN A 123 11.59 15.17 7.41
C GLN A 123 11.42 14.00 6.38
N TRP A 124 10.17 13.58 6.13
CA TRP A 124 9.95 12.48 5.16
C TRP A 124 10.37 12.86 3.77
N ARG A 125 10.02 14.06 3.32
CA ARG A 125 10.42 14.52 2.02
C ARG A 125 11.93 14.58 1.90
N GLU A 126 12.61 15.07 2.94
N GLU A 126 12.63 15.08 2.91
CA GLU A 126 14.06 15.19 2.88
CA GLU A 126 14.09 15.23 2.77
C GLU A 126 14.70 13.81 2.65
C GLU A 126 14.75 13.82 2.66
N ARG A 127 14.29 12.83 3.46
CA ARG A 127 14.80 11.48 3.37
C ARG A 127 14.43 10.79 2.05
N ALA A 128 13.17 10.91 1.65
CA ALA A 128 12.65 10.19 0.43
C ALA A 128 13.16 10.78 -0.85
N ASP A 129 13.22 12.12 -0.93
CA ASP A 129 13.70 12.76 -2.18
C ASP A 129 15.11 12.38 -2.53
N SER A 130 15.94 12.07 -1.57
CA SER A 130 17.32 11.76 -1.88
C SER A 130 17.61 10.25 -1.93
N ALA A 131 16.63 9.41 -1.57
CA ALA A 131 16.86 7.98 -1.45
C ALA A 131 15.86 7.11 -2.28
N ALA A 132 14.70 7.62 -2.59
CA ALA A 132 13.66 6.88 -3.37
C ALA A 132 14.19 6.44 -4.78
N CYS A 133 14.12 5.15 -5.06
CA CYS A 133 14.49 4.60 -6.35
C CYS A 133 13.34 4.68 -7.33
N CYS A 134 12.11 4.86 -6.83
CA CYS A 134 10.94 5.01 -7.70
C CYS A 134 10.09 6.14 -7.21
N ASP A 135 9.06 6.48 -7.96
CA ASP A 135 8.18 7.55 -7.56
C ASP A 135 7.44 7.18 -6.30
N TYR A 136 6.98 8.20 -5.58
CA TYR A 136 6.33 7.99 -4.31
C TYR A 136 5.38 9.13 -3.97
N SER A 137 4.52 8.89 -2.98
CA SER A 137 3.81 9.95 -2.32
C SER A 137 3.60 9.52 -0.87
N LEU A 138 2.93 10.39 -0.13
CA LEU A 138 2.91 10.33 1.32
C LEU A 138 1.49 10.45 1.86
N HIS A 139 1.16 9.57 2.77
CA HIS A 139 0.00 9.71 3.61
C HIS A 139 0.53 10.36 4.86
N VAL A 140 -0.35 11.02 5.59
CA VAL A 140 0.06 11.62 6.88
C VAL A 140 -0.74 11.03 8.01
N ASP A 141 -0.05 10.40 8.94
CA ASP A 141 -0.71 9.80 10.12
C ASP A 141 -0.90 10.84 11.27
N ILE A 142 -2.14 11.00 11.75
CA ILE A 142 -2.47 11.88 12.83
C ILE A 142 -2.35 11.14 14.16
N THR A 143 -1.28 11.36 14.88
CA THR A 143 -1.10 10.71 16.16
C THR A 143 -1.71 11.38 17.38
N ARG A 144 -1.99 12.69 17.32
CA ARG A 144 -2.59 13.42 18.42
C ARG A 144 -3.63 14.40 17.84
N TRP A 145 -4.86 14.38 18.34
CA TRP A 145 -5.91 15.42 18.09
CA TRP A 145 -5.77 15.46 17.98
C TRP A 145 -5.57 16.66 18.92
N HIS A 146 -5.70 17.86 18.38
CA HIS A 146 -5.74 19.13 19.17
C HIS A 146 -6.63 20.10 18.41
N GLU A 147 -6.90 21.22 19.06
CA GLU A 147 -8.01 22.11 18.71
C GLU A 147 -7.82 22.80 17.35
N SER A 148 -6.59 22.99 16.90
CA SER A 148 -6.29 23.75 15.72
C SER A 148 -5.61 22.94 14.60
N ILE A 149 -5.58 21.64 14.77
CA ILE A 149 -4.85 20.80 13.80
C ILE A 149 -5.54 20.84 12.41
N LYS A 150 -6.83 21.24 12.33
CA LYS A 150 -7.41 21.60 11.04
C LYS A 150 -6.50 22.51 10.18
N GLU A 151 -5.79 23.48 10.77
CA GLU A 151 -4.89 24.32 9.98
C GLU A 151 -3.74 23.54 9.39
N GLU A 152 -3.21 22.57 10.15
CA GLU A 152 -2.16 21.71 9.59
C GLU A 152 -2.67 20.88 8.45
N LEU A 153 -3.83 20.28 8.65
CA LEU A 153 -4.41 19.43 7.60
C LEU A 153 -4.66 20.24 6.38
N GLU A 154 -5.24 21.44 6.57
CA GLU A 154 -5.47 22.34 5.47
C GLU A 154 -4.21 22.77 4.70
N ALA A 155 -3.13 23.12 5.40
CA ALA A 155 -1.87 23.41 4.72
C ALA A 155 -1.36 22.19 3.93
N LEU A 156 -1.51 21.00 4.52
CA LEU A 156 -1.03 19.81 3.86
C LEU A 156 -1.72 19.51 2.56
N VAL A 157 -3.07 19.67 2.53
CA VAL A 157 -3.75 19.38 1.31
C VAL A 157 -3.61 20.55 0.30
N LYS A 158 -3.51 21.79 0.75
CA LYS A 158 -3.49 22.95 -0.18
C LYS A 158 -2.06 23.15 -0.71
N GLU A 159 -1.06 22.94 0.11
CA GLU A 159 0.33 23.22 -0.27
C GLU A 159 1.22 22.05 -0.49
N LYS A 160 1.00 20.90 0.18
CA LYS A 160 2.00 19.85 0.17
C LYS A 160 1.61 18.59 -0.64
N GLY A 161 0.51 18.66 -1.41
CA GLY A 161 0.11 17.55 -2.29
C GLY A 161 -0.33 16.26 -1.57
N VAL A 162 -0.85 16.38 -0.34
CA VAL A 162 -1.32 15.27 0.46
C VAL A 162 -2.82 15.29 0.36
N ASN A 163 -3.47 14.15 0.17
CA ASN A 163 -4.97 14.08 0.24
C ASN A 163 -5.50 12.90 1.02
N SER A 164 -4.66 12.33 1.91
CA SER A 164 -5.09 11.26 2.77
C SER A 164 -4.41 11.33 4.14
N PHE A 165 -5.19 11.08 5.17
CA PHE A 165 -4.72 11.13 6.57
C PHE A 165 -5.21 9.90 7.32
N LEU A 166 -4.40 9.38 8.24
CA LEU A 166 -4.76 8.21 8.98
C LEU A 166 -5.02 8.51 10.45
N VAL A 167 -6.10 7.95 10.96
CA VAL A 167 -6.47 7.99 12.36
C VAL A 167 -6.32 6.60 13.02
N PHE A 168 -5.81 6.54 14.26
CA PHE A 168 -5.64 5.29 14.96
C PHE A 168 -6.78 5.05 15.98
N MET A 169 -7.42 3.90 15.92
CA MET A 169 -8.42 3.46 16.94
C MET A 169 -7.76 2.58 18.05
N ALA A 170 -6.46 2.32 17.88
CA ALA A 170 -5.69 1.48 18.79
C ALA A 170 -4.46 2.26 19.26
N TYR A 171 -3.61 1.61 20.06
CA TYR A 171 -2.48 2.25 20.76
C TYR A 171 -3.06 3.21 21.86
N LYS A 172 -3.88 2.65 22.78
CA LYS A 172 -4.46 3.37 23.92
C LYS A 172 -3.38 4.24 24.67
N ASP A 173 -3.73 5.45 25.09
CA ASP A 173 -2.74 6.30 25.83
C ASP A 173 -1.54 6.75 24.95
N ARG A 174 -1.65 6.70 23.62
CA ARG A 174 -0.54 7.07 22.73
C ARG A 174 -1.00 7.80 21.47
N CYS A 175 -1.70 7.08 20.59
CA CYS A 175 -2.34 7.75 19.48
C CYS A 175 -3.79 7.37 19.17
N GLN A 176 -4.42 6.60 20.06
CA GLN A 176 -5.85 6.26 19.91
C GLN A 176 -6.74 7.50 20.00
N CYS A 177 -7.69 7.63 19.09
CA CYS A 177 -8.70 8.67 19.13
C CYS A 177 -9.95 8.13 19.81
N SER A 178 -10.73 9.02 20.44
CA SER A 178 -12.08 8.72 20.92
C SER A 178 -13.11 8.86 19.72
N ASP A 179 -14.33 8.34 19.90
CA ASP A 179 -15.32 8.41 18.87
C ASP A 179 -15.69 9.85 18.52
N SER A 180 -15.80 10.73 19.51
CA SER A 180 -16.01 12.18 19.27
C SER A 180 -14.96 12.84 18.43
N GLN A 181 -13.71 12.51 18.73
CA GLN A 181 -12.60 13.05 18.01
C GLN A 181 -12.59 12.51 16.59
N MET A 182 -12.89 11.21 16.46
CA MET A 182 -12.94 10.62 15.15
C MET A 182 -14.00 11.33 14.32
N TYR A 183 -15.17 11.55 14.87
CA TYR A 183 -16.24 12.21 14.14
C TYR A 183 -15.79 13.65 13.67
N GLU A 184 -15.16 14.38 14.59
CA GLU A 184 -14.68 15.71 14.29
C GLU A 184 -13.58 15.70 13.19
N ILE A 185 -12.64 14.79 13.29
CA ILE A 185 -11.58 14.65 12.25
C ILE A 185 -12.11 14.24 10.87
N PHE A 186 -13.05 13.30 10.87
CA PHE A 186 -13.67 12.86 9.66
C PHE A 186 -14.47 13.98 9.04
N SER A 187 -15.14 14.80 9.85
CA SER A 187 -15.86 15.97 9.27
C SER A 187 -14.93 17.00 8.61
N ILE A 188 -13.81 17.31 9.26
CA ILE A 188 -12.74 18.13 8.68
C ILE A 188 -12.17 17.50 7.39
N ILE A 189 -11.86 16.20 7.43
CA ILE A 189 -11.28 15.51 6.25
C ILE A 189 -12.25 15.62 5.05
N ARG A 190 -13.53 15.40 5.30
CA ARG A 190 -14.56 15.57 4.31
C ARG A 190 -14.62 16.98 3.68
N ASP A 191 -14.70 18.01 4.53
CA ASP A 191 -14.59 19.39 4.06
C ASP A 191 -13.34 19.71 3.25
N LEU A 192 -12.21 19.07 3.54
CA LEU A 192 -11.00 19.29 2.79
C LEU A 192 -10.87 18.47 1.49
N GLY A 193 -11.78 17.51 1.26
CA GLY A 193 -11.72 16.66 0.07
C GLY A 193 -10.67 15.60 0.19
N ALA A 194 -10.43 15.13 1.41
CA ALA A 194 -9.36 14.21 1.62
C ALA A 194 -9.99 12.86 2.03
N LEU A 195 -9.16 11.83 2.07
N LEU A 195 -9.16 11.83 2.08
CA LEU A 195 -9.59 10.49 2.41
CA LEU A 195 -9.55 10.48 2.43
C LEU A 195 -9.22 10.21 3.84
C LEU A 195 -9.20 10.21 3.86
N ALA A 196 -10.16 9.71 4.61
CA ALA A 196 -9.90 9.27 6.04
C ALA A 196 -9.47 7.81 6.05
N GLN A 197 -8.24 7.56 6.39
CA GLN A 197 -7.80 6.20 6.63
C GLN A 197 -7.91 5.88 8.09
N VAL A 198 -8.08 4.61 8.39
CA VAL A 198 -8.05 4.13 9.77
C VAL A 198 -7.17 2.94 9.94
N HIS A 199 -6.53 2.91 11.12
CA HIS A 199 -5.98 1.68 11.70
C HIS A 199 -7.05 1.21 12.69
N ALA A 200 -7.78 0.18 12.28
CA ALA A 200 -9.02 -0.26 12.91
C ALA A 200 -8.83 -1.48 13.83
N GLU A 201 -8.47 -1.16 15.06
CA GLU A 201 -8.51 -2.15 16.13
C GLU A 201 -8.94 -1.42 17.38
N ASN A 202 -9.72 -2.10 18.21
CA ASN A 202 -10.14 -1.55 19.51
C ASN A 202 -9.00 -1.62 20.52
N GLY A 203 -8.31 -0.51 20.71
CA GLY A 203 -7.15 -0.43 21.56
C GLY A 203 -7.37 -0.74 23.04
N ASP A 204 -8.53 -0.36 23.54
CA ASP A 204 -8.89 -0.61 24.93
C ASP A 204 -9.01 -2.09 25.18
N ILE A 205 -9.59 -2.82 24.23
CA ILE A 205 -9.73 -4.28 24.39
C ILE A 205 -8.42 -4.97 24.23
N VAL A 206 -7.63 -4.58 23.23
CA VAL A 206 -6.28 -5.10 23.07
C VAL A 206 -5.45 -4.94 24.38
N GLU A 207 -5.49 -3.78 24.96
CA GLU A 207 -4.74 -3.52 26.17
C GLU A 207 -5.17 -4.45 27.30
N GLU A 208 -6.48 -4.69 27.45
CA GLU A 208 -6.97 -5.61 28.49
C GLU A 208 -6.55 -7.03 28.25
N GLU A 209 -6.63 -7.50 27.02
CA GLU A 209 -6.13 -8.88 26.72
C GLU A 209 -4.63 -9.00 26.91
N GLN A 210 -3.86 -8.00 26.51
CA GLN A 210 -2.41 -8.10 26.63
C GLN A 210 -2.06 -8.29 28.11
N LYS A 211 -2.66 -7.48 28.98
CA LYS A 211 -2.46 -7.63 30.43
C LYS A 211 -2.77 -9.02 30.98
N ARG A 212 -3.95 -9.56 30.65
CA ARG A 212 -4.36 -10.88 31.09
C ARG A 212 -3.36 -11.90 30.62
N LEU A 213 -2.93 -11.80 29.36
CA LEU A 213 -2.03 -12.78 28.80
C LEU A 213 -0.68 -12.75 29.47
N LEU A 214 -0.15 -11.54 29.68
CA LEU A 214 1.17 -11.40 30.34
C LEU A 214 1.04 -11.94 31.78
N GLU A 215 -0.03 -11.57 32.50
CA GLU A 215 -0.35 -12.10 33.80
C GLU A 215 -0.25 -13.63 33.83
N LEU A 216 -0.69 -14.36 32.83
CA LEU A 216 -0.57 -15.84 32.82
C LEU A 216 0.75 -16.38 32.22
N GLY A 217 1.75 -15.50 32.06
CA GLY A 217 3.03 -15.84 31.48
C GLY A 217 3.03 -16.28 30.03
N ILE A 218 2.11 -15.77 29.20
CA ILE A 218 2.11 -16.14 27.80
C ILE A 218 2.85 -14.96 27.21
N THR A 219 4.19 -15.05 27.21
CA THR A 219 5.03 -13.91 26.84
C THR A 219 5.60 -13.97 25.42
N GLY A 220 5.46 -15.13 24.78
CA GLY A 220 5.92 -15.34 23.40
C GLY A 220 5.08 -14.64 22.35
N PRO A 221 5.46 -14.75 21.07
CA PRO A 221 4.69 -14.06 20.03
C PRO A 221 3.26 -14.50 19.87
N GLU A 222 2.89 -15.69 20.32
CA GLU A 222 1.51 -16.10 20.26
C GLU A 222 0.63 -15.25 21.16
N GLY A 223 1.21 -14.70 22.24
CA GLY A 223 0.52 -13.68 23.04
C GLY A 223 0.10 -12.44 22.22
N HIS A 224 0.92 -12.07 21.22
CA HIS A 224 0.54 -10.95 20.36
C HIS A 224 -0.76 -11.23 19.56
N VAL A 225 -0.82 -12.35 18.84
CA VAL A 225 -2.04 -12.71 18.12
C VAL A 225 -3.20 -12.97 19.06
N LEU A 226 -2.93 -13.58 20.22
CA LEU A 226 -3.98 -13.83 21.20
C LEU A 226 -4.56 -12.59 21.81
N SER A 227 -3.77 -11.54 21.93
CA SER A 227 -4.27 -10.30 22.43
C SER A 227 -4.94 -9.40 21.34
N HIS A 228 -4.90 -9.82 20.09
CA HIS A 228 -5.50 -9.04 18.97
C HIS A 228 -6.42 -9.97 18.23
N PRO A 229 -7.42 -10.51 18.92
CA PRO A 229 -8.33 -11.36 18.21
C PRO A 229 -9.09 -10.64 17.11
N GLU A 230 -9.50 -11.41 16.13
CA GLU A 230 -10.22 -10.95 14.97
C GLU A 230 -11.40 -10.03 15.32
N GLU A 231 -12.11 -10.38 16.38
CA GLU A 231 -13.20 -9.58 16.85
C GLU A 231 -12.80 -8.09 17.14
N VAL A 232 -11.59 -7.77 17.55
CA VAL A 232 -11.36 -6.37 17.84
C VAL A 232 -11.16 -5.56 16.54
N GLU A 233 -10.65 -6.22 15.49
CA GLU A 233 -10.54 -5.62 14.16
C GLU A 233 -11.95 -5.44 13.59
N ALA A 234 -12.79 -6.48 13.60
CA ALA A 234 -14.08 -6.38 12.97
C ALA A 234 -14.94 -5.28 13.63
N GLU A 235 -14.94 -5.27 14.95
CA GLU A 235 -15.67 -4.25 15.68
C GLU A 235 -15.17 -2.86 15.38
N ALA A 236 -13.86 -2.66 15.36
CA ALA A 236 -13.35 -1.32 15.11
C ALA A 236 -13.68 -0.86 13.69
N VAL A 237 -13.63 -1.78 12.73
CA VAL A 237 -13.98 -1.44 11.34
C VAL A 237 -15.42 -1.05 11.28
N TYR A 238 -16.28 -1.84 11.90
CA TYR A 238 -17.70 -1.48 11.91
C TYR A 238 -17.96 -0.10 12.54
N ARG A 239 -17.28 0.18 13.66
CA ARG A 239 -17.44 1.49 14.35
C ARG A 239 -16.90 2.61 13.46
N ALA A 240 -15.78 2.37 12.78
CA ALA A 240 -15.26 3.40 11.85
C ALA A 240 -16.20 3.68 10.72
N VAL A 241 -16.68 2.63 10.06
CA VAL A 241 -17.70 2.73 9.03
C VAL A 241 -18.89 3.52 9.51
N THR A 242 -19.36 3.21 10.72
CA THR A 242 -20.50 3.90 11.25
C THR A 242 -20.28 5.45 11.38
N ILE A 243 -19.15 5.82 11.94
CA ILE A 243 -18.82 7.22 12.17
C ILE A 243 -18.62 7.93 10.82
N ALA A 244 -17.92 7.27 9.90
CA ALA A 244 -17.70 7.81 8.55
C ALA A 244 -18.99 8.05 7.82
N LYS A 245 -19.87 7.04 7.86
CA LYS A 245 -21.19 7.19 7.28
C LYS A 245 -21.97 8.39 7.89
N GLN A 246 -21.99 8.52 9.21
CA GLN A 246 -22.70 9.65 9.81
C GLN A 246 -22.10 10.95 9.39
N ALA A 247 -20.79 11.00 9.22
CA ALA A 247 -20.11 12.25 8.84
C ALA A 247 -20.12 12.51 7.32
N ASN A 248 -20.61 11.56 6.53
CA ASN A 248 -20.43 11.57 5.07
C ASN A 248 -18.98 11.81 4.63
N CYS A 249 -18.09 11.07 5.27
CA CYS A 249 -16.64 11.17 5.03
C CYS A 249 -16.22 9.84 4.44
N PRO A 250 -15.48 9.86 3.30
CA PRO A 250 -15.05 8.64 2.72
C PRO A 250 -14.02 7.96 3.57
N LEU A 251 -14.15 6.65 3.71
CA LEU A 251 -13.34 5.89 4.64
C LEU A 251 -12.47 4.88 3.91
N TYR A 252 -11.24 4.73 4.40
CA TYR A 252 -10.31 3.78 3.80
C TYR A 252 -9.75 2.93 4.95
N VAL A 253 -10.01 1.62 4.92
CA VAL A 253 -9.58 0.74 6.03
C VAL A 253 -8.24 0.13 5.65
N THR A 254 -7.21 0.47 6.40
CA THR A 254 -5.91 -0.10 6.18
C THR A 254 -5.78 -1.54 6.74
N LYS A 255 -4.84 -2.29 6.15
CA LYS A 255 -4.42 -3.58 6.77
C LYS A 255 -5.58 -4.52 7.13
N VAL A 256 -6.36 -4.84 6.13
CA VAL A 256 -7.46 -5.79 6.29
C VAL A 256 -6.86 -7.22 6.40
N MET A 257 -6.90 -7.79 7.61
CA MET A 257 -6.22 -9.06 7.90
C MET A 257 -7.21 -10.21 8.17
N SER A 258 -8.47 -9.91 8.42
CA SER A 258 -9.44 -10.93 8.82
C SER A 258 -10.70 -10.93 7.96
N LYS A 259 -11.38 -12.08 8.00
CA LYS A 259 -12.65 -12.29 7.31
C LYS A 259 -13.66 -11.31 7.85
N GLY A 260 -13.68 -11.15 9.18
CA GLY A 260 -14.66 -10.29 9.83
C GLY A 260 -14.54 -8.82 9.43
N ALA A 261 -13.31 -8.35 9.33
CA ALA A 261 -13.07 -6.97 8.91
C ALA A 261 -13.52 -6.75 7.43
N ALA A 262 -13.18 -7.69 6.59
CA ALA A 262 -13.50 -7.64 5.16
C ALA A 262 -14.98 -7.72 4.95
N ASP A 263 -15.65 -8.59 5.72
CA ASP A 263 -17.11 -8.68 5.63
C ASP A 263 -17.83 -7.43 6.02
N ALA A 264 -17.33 -6.74 7.03
CA ALA A 264 -17.88 -5.51 7.45
C ALA A 264 -17.82 -4.43 6.36
N ILE A 265 -16.69 -4.39 5.68
CA ILE A 265 -16.55 -3.50 4.55
C ILE A 265 -17.53 -3.90 3.40
N ALA A 266 -17.60 -5.20 3.05
CA ALA A 266 -18.48 -5.65 1.99
C ALA A 266 -19.94 -5.28 2.33
N GLN A 267 -20.37 -5.51 3.59
CA GLN A 267 -21.72 -5.14 4.02
C GLN A 267 -21.96 -3.64 3.94
N ALA A 268 -20.98 -2.88 4.37
CA ALA A 268 -21.08 -1.41 4.24
C ALA A 268 -21.29 -0.91 2.81
N LYS A 269 -20.54 -1.47 1.89
CA LYS A 269 -20.65 -1.13 0.47
C LYS A 269 -22.04 -1.43 -0.08
N ARG A 270 -22.64 -2.52 0.37
CA ARG A 270 -24.00 -2.86 0.01
C ARG A 270 -25.04 -1.91 0.54
N ARG A 271 -24.76 -1.30 1.67
CA ARG A 271 -25.60 -0.26 2.14
C ARG A 271 -25.24 1.14 1.56
N GLY A 272 -24.39 1.25 0.54
CA GLY A 272 -24.02 2.51 -0.07
C GLY A 272 -22.97 3.39 0.64
N VAL A 273 -22.28 2.85 1.63
CA VAL A 273 -21.24 3.56 2.33
C VAL A 273 -20.05 3.70 1.43
N VAL A 274 -19.43 4.88 1.43
CA VAL A 274 -18.19 5.13 0.63
C VAL A 274 -17.01 4.67 1.45
N VAL A 275 -16.56 3.45 1.19
CA VAL A 275 -15.47 2.80 1.95
C VAL A 275 -14.63 1.94 1.04
N PHE A 276 -13.33 1.93 1.32
CA PHE A 276 -12.31 1.14 0.62
C PHE A 276 -11.59 0.24 1.63
N GLY A 277 -11.23 -0.93 1.17
CA GLY A 277 -10.48 -1.89 1.95
C GLY A 277 -9.17 -2.24 1.27
N GLU A 278 -8.17 -2.43 2.12
CA GLU A 278 -6.77 -2.68 1.80
C GLU A 278 -6.23 -3.95 2.44
N PRO A 279 -6.49 -5.11 1.82
CA PRO A 279 -5.67 -6.23 2.22
C PRO A 279 -4.21 -6.01 1.85
N ILE A 280 -3.35 -6.72 2.52
CA ILE A 280 -1.91 -6.57 2.29
C ILE A 280 -1.30 -7.92 1.90
N THR A 281 -0.06 -7.91 1.44
CA THR A 281 0.57 -9.14 1.07
C THR A 281 0.51 -10.24 2.16
N ALA A 282 0.76 -9.87 3.40
CA ALA A 282 0.74 -10.83 4.50
C ALA A 282 -0.64 -11.47 4.65
N SER A 283 -1.72 -10.72 4.51
CA SER A 283 -3.04 -11.32 4.68
C SER A 283 -3.50 -12.22 3.53
N LEU A 284 -2.90 -12.06 2.36
CA LEU A 284 -3.16 -12.90 1.21
C LEU A 284 -2.21 -14.08 1.12
N GLY A 285 -1.03 -13.98 1.74
CA GLY A 285 0.08 -14.89 1.47
C GLY A 285 0.51 -15.91 2.51
N THR A 286 0.07 -15.74 3.75
CA THR A 286 0.49 -16.60 4.85
C THR A 286 -0.60 -16.57 5.90
N ASP A 287 -0.37 -17.29 6.98
CA ASP A 287 -1.37 -17.33 8.07
C ASP A 287 -0.67 -17.27 9.41
N GLY A 288 -1.49 -17.11 10.45
CA GLY A 288 -0.96 -16.89 11.76
C GLY A 288 -0.53 -18.13 12.54
N SER A 289 -0.54 -19.31 11.91
CA SER A 289 -0.05 -20.54 12.61
C SER A 289 1.41 -20.33 13.07
N HIS A 290 2.14 -19.46 12.39
CA HIS A 290 3.58 -19.29 12.67
C HIS A 290 3.88 -18.53 13.92
N TYR A 291 2.89 -17.84 14.50
CA TYR A 291 3.12 -17.26 15.78
C TYR A 291 3.51 -18.32 16.83
N TRP A 292 3.12 -19.57 16.61
CA TRP A 292 3.33 -20.69 17.58
C TRP A 292 4.58 -21.47 17.19
N SER A 293 5.38 -20.95 16.27
CA SER A 293 6.60 -21.63 15.83
C SER A 293 7.55 -21.85 17.01
N LYS A 294 8.22 -23.03 17.02
CA LYS A 294 9.19 -23.33 18.09
C LYS A 294 10.37 -22.35 18.00
N ASN A 295 10.60 -21.83 16.81
CA ASN A 295 11.63 -20.86 16.58
C ASN A 295 11.11 -19.43 16.88
N TRP A 296 11.52 -18.90 18.02
CA TRP A 296 11.08 -17.56 18.46
C TRP A 296 11.27 -16.51 17.36
N ALA A 297 12.40 -16.57 16.65
CA ALA A 297 12.78 -15.50 15.72
C ALA A 297 11.82 -15.51 14.50
N LYS A 298 11.37 -16.71 14.14
CA LYS A 298 10.45 -16.89 13.05
C LYS A 298 9.11 -16.36 13.46
N ALA A 299 8.64 -16.73 14.64
CA ALA A 299 7.41 -16.28 15.14
C ALA A 299 7.35 -14.77 15.28
N ALA A 300 8.42 -14.18 15.78
CA ALA A 300 8.49 -12.73 15.95
C ALA A 300 8.45 -12.00 14.63
N ALA A 301 8.94 -12.64 13.58
CA ALA A 301 8.96 -12.06 12.26
C ALA A 301 7.54 -11.76 11.75
N PHE A 302 6.53 -12.47 12.26
CA PHE A 302 5.13 -12.27 11.92
C PHE A 302 4.43 -11.17 12.76
N VAL A 303 5.06 -10.69 13.83
CA VAL A 303 4.40 -9.76 14.77
C VAL A 303 4.17 -8.42 14.07
N THR A 304 2.89 -8.09 13.90
CA THR A 304 2.43 -6.86 13.25
C THR A 304 1.00 -6.68 13.66
N SER A 305 0.47 -5.49 13.55
CA SER A 305 -0.96 -5.25 13.97
C SER A 305 -1.75 -4.64 12.84
N PRO A 306 -2.91 -5.14 12.50
CA PRO A 306 -3.48 -6.35 13.03
C PRO A 306 -2.60 -7.56 12.64
N PRO A 307 -2.69 -8.61 13.43
CA PRO A 307 -1.85 -9.79 13.13
C PRO A 307 -2.34 -10.57 11.95
N VAL A 308 -1.46 -11.42 11.46
CA VAL A 308 -1.78 -12.39 10.45
C VAL A 308 -2.78 -13.37 11.09
N ASN A 309 -3.93 -13.55 10.47
CA ASN A 309 -4.95 -14.28 11.12
C ASN A 309 -4.58 -15.78 11.24
N PRO A 310 -4.78 -16.38 12.42
CA PRO A 310 -4.53 -17.85 12.55
C PRO A 310 -5.48 -18.73 11.75
N ASP A 311 -6.65 -18.25 11.33
CA ASP A 311 -7.56 -19.09 10.52
C ASP A 311 -7.00 -19.15 9.09
N PRO A 312 -6.58 -20.33 8.69
CA PRO A 312 -5.95 -20.49 7.41
C PRO A 312 -6.90 -20.44 6.23
N THR A 313 -8.20 -20.29 6.43
CA THR A 313 -9.10 -20.04 5.32
C THR A 313 -9.22 -18.54 5.02
N THR A 314 -8.55 -17.70 5.81
CA THR A 314 -8.67 -16.28 5.64
C THR A 314 -8.24 -15.76 4.28
N ALA A 315 -7.04 -16.12 3.85
CA ALA A 315 -6.52 -15.64 2.56
C ALA A 315 -7.48 -15.90 1.35
N ASP A 316 -8.05 -17.10 1.31
CA ASP A 316 -8.97 -17.45 0.25
C ASP A 316 -10.23 -16.61 0.28
N HIS A 317 -10.67 -16.30 1.50
CA HIS A 317 -11.80 -15.42 1.67
C HIS A 317 -11.48 -14.00 1.15
N LEU A 318 -10.31 -13.48 1.53
CA LEU A 318 -9.90 -12.16 1.13
C LEU A 318 -9.73 -12.11 -0.36
N THR A 319 -9.24 -13.19 -0.93
CA THR A 319 -9.05 -13.30 -2.36
C THR A 319 -10.41 -13.28 -3.06
N CYS A 320 -11.40 -14.01 -2.54
CA CYS A 320 -12.79 -13.88 -3.04
C CYS A 320 -13.31 -12.47 -3.06
N LEU A 321 -12.99 -11.68 -2.02
CA LEU A 321 -13.51 -10.30 -1.93
C LEU A 321 -12.76 -9.27 -2.79
N LEU A 322 -11.51 -9.54 -3.07
CA LEU A 322 -10.85 -8.85 -4.19
C LEU A 322 -11.51 -9.12 -5.51
N SER A 323 -11.87 -10.37 -5.74
CA SER A 323 -12.63 -10.73 -6.96
C SER A 323 -13.98 -10.13 -7.10
N SER A 324 -14.67 -9.95 -6.02
CA SER A 324 -16.02 -9.42 -6.11
C SER A 324 -16.06 -7.90 -6.06
N GLY A 325 -14.91 -7.23 -5.84
CA GLY A 325 -14.85 -5.76 -5.83
C GLY A 325 -15.05 -5.15 -4.48
N ASP A 326 -15.23 -5.97 -3.42
CA ASP A 326 -15.37 -5.42 -2.11
C ASP A 326 -14.04 -4.90 -1.54
N LEU A 327 -12.92 -5.53 -1.89
CA LEU A 327 -11.59 -5.07 -1.48
C LEU A 327 -10.98 -4.59 -2.81
N GLN A 328 -10.59 -3.32 -2.88
CA GLN A 328 -10.23 -2.72 -4.16
C GLN A 328 -8.75 -2.47 -4.41
N VAL A 329 -7.93 -2.45 -3.35
CA VAL A 329 -6.51 -2.11 -3.50
C VAL A 329 -5.70 -3.11 -2.71
N THR A 330 -4.48 -3.28 -3.11
CA THR A 330 -3.58 -4.13 -2.36
C THR A 330 -2.39 -3.31 -1.92
N GLY A 331 -1.95 -3.52 -0.71
CA GLY A 331 -0.68 -2.89 -0.23
C GLY A 331 0.24 -3.93 0.43
N SER A 332 1.39 -3.49 0.92
CA SER A 332 2.30 -4.31 1.69
C SER A 332 2.29 -4.02 3.20
N ALA A 333 2.06 -2.76 3.58
CA ALA A 333 2.40 -2.23 4.92
C ALA A 333 3.80 -2.56 5.31
N HIS A 334 4.70 -2.59 4.35
CA HIS A 334 6.07 -3.08 4.60
C HIS A 334 6.75 -2.25 5.70
N CYS A 335 7.24 -2.93 6.71
CA CYS A 335 7.81 -2.28 7.90
C CYS A 335 8.64 -3.31 8.61
N THR A 336 9.90 -3.41 8.23
CA THR A 336 10.71 -4.52 8.68
C THR A 336 11.73 -4.21 9.80
N PHE A 337 11.98 -5.21 10.61
CA PHE A 337 12.92 -5.13 11.73
C PHE A 337 13.71 -6.44 11.75
N THR A 338 14.98 -6.35 12.04
CA THR A 338 15.83 -7.51 12.12
C THR A 338 15.43 -8.36 13.29
N THR A 339 15.93 -9.58 13.31
CA THR A 339 15.81 -10.44 14.49
C THR A 339 16.31 -9.76 15.77
N ALA A 340 17.45 -9.06 15.72
CA ALA A 340 17.97 -8.37 16.92
C ALA A 340 16.96 -7.31 17.41
N GLN A 341 16.43 -6.54 16.46
CA GLN A 341 15.37 -5.56 16.77
C GLN A 341 14.10 -6.17 17.36
N LYS A 342 13.59 -7.23 16.73
CA LYS A 342 12.46 -7.96 17.28
C LYS A 342 12.79 -8.44 18.73
N ALA A 343 14.04 -8.86 18.98
CA ALA A 343 14.47 -9.53 20.22
C ALA A 343 14.47 -8.69 21.49
N VAL A 344 14.32 -7.38 21.36
CA VAL A 344 14.02 -6.57 22.53
C VAL A 344 12.74 -7.05 23.20
N GLY A 345 11.86 -7.73 22.45
CA GLY A 345 10.66 -8.31 23.02
C GLY A 345 10.77 -9.77 23.32
N LYS A 346 11.99 -10.29 23.48
CA LYS A 346 12.16 -11.74 23.76
C LYS A 346 11.37 -12.22 24.98
N ASP A 347 11.25 -11.35 25.97
CA ASP A 347 10.59 -11.66 27.27
C ASP A 347 9.18 -11.09 27.42
N ASN A 348 8.71 -10.36 26.41
CA ASN A 348 7.44 -9.70 26.48
C ASN A 348 6.99 -9.31 25.09
N PHE A 349 6.02 -10.05 24.57
CA PHE A 349 5.57 -9.83 23.19
C PHE A 349 5.16 -8.40 22.93
N ALA A 350 4.69 -7.72 23.94
CA ALA A 350 4.23 -6.33 23.77
C ALA A 350 5.37 -5.36 23.51
N LEU A 351 6.61 -5.81 23.67
CA LEU A 351 7.77 -4.98 23.42
C LEU A 351 8.42 -5.35 22.13
N ILE A 352 7.83 -6.29 21.39
CA ILE A 352 8.38 -6.62 20.06
C ILE A 352 7.99 -5.50 19.09
N PRO A 353 8.91 -4.85 18.38
CA PRO A 353 8.46 -3.88 17.38
C PRO A 353 7.63 -4.55 16.25
N GLU A 354 6.43 -4.00 16.07
CA GLU A 354 5.46 -4.51 15.12
C GLU A 354 5.83 -4.17 13.69
N GLY A 355 5.77 -5.18 12.81
CA GLY A 355 5.90 -4.90 11.41
C GLY A 355 6.42 -6.08 10.68
N THR A 356 6.00 -6.22 9.44
CA THR A 356 6.46 -7.32 8.65
C THR A 356 6.75 -6.99 7.20
N ASN A 357 7.29 -7.95 6.45
CA ASN A 357 7.57 -7.74 5.01
C ASN A 357 6.35 -7.90 4.06
N GLY A 358 6.56 -7.55 2.81
CA GLY A 358 5.57 -7.68 1.77
C GLY A 358 5.73 -6.86 0.52
N ILE A 359 6.65 -5.91 0.48
CA ILE A 359 6.71 -4.95 -0.61
C ILE A 359 7.14 -5.63 -1.88
N GLU A 360 8.05 -6.58 -1.76
CA GLU A 360 8.64 -7.20 -2.92
C GLU A 360 7.71 -8.25 -3.50
N GLU A 361 6.97 -8.92 -2.64
CA GLU A 361 6.13 -10.09 -3.03
C GLU A 361 4.71 -9.73 -3.50
N ARG A 362 4.29 -8.48 -3.28
CA ARG A 362 2.88 -8.10 -3.50
C ARG A 362 2.35 -8.49 -4.87
N MET A 363 2.98 -8.02 -5.95
CA MET A 363 2.48 -8.33 -7.31
C MET A 363 2.37 -9.84 -7.58
N SER A 364 3.44 -10.58 -7.31
CA SER A 364 3.43 -12.06 -7.53
C SER A 364 2.47 -12.78 -6.61
N MET A 365 2.32 -12.33 -5.38
CA MET A 365 1.41 -13.01 -4.48
C MET A 365 -0.04 -12.75 -4.89
N VAL A 366 -0.32 -11.51 -5.34
CA VAL A 366 -1.66 -11.24 -5.81
C VAL A 366 -2.00 -12.05 -7.07
N TRP A 367 -1.03 -12.16 -7.94
CA TRP A 367 -1.20 -13.01 -9.16
C TRP A 367 -1.43 -14.46 -8.78
N GLU A 368 -0.56 -14.97 -7.95
CA GLU A 368 -0.67 -16.36 -7.50
C GLU A 368 -2.02 -16.64 -6.86
N LYS A 369 -2.48 -15.78 -5.95
CA LYS A 369 -3.71 -16.07 -5.21
C LYS A 369 -4.95 -15.80 -6.01
N CYS A 370 -4.90 -14.78 -6.85
CA CYS A 370 -6.10 -14.28 -7.56
C CYS A 370 -6.22 -14.78 -9.01
N VAL A 371 -5.15 -14.70 -9.79
CA VAL A 371 -5.20 -14.94 -11.22
C VAL A 371 -4.87 -16.40 -11.52
N ALA A 372 -3.77 -16.88 -11.00
CA ALA A 372 -3.37 -18.26 -11.19
C ALA A 372 -4.41 -19.28 -10.62
N SER A 373 -5.22 -18.86 -9.66
CA SER A 373 -6.28 -19.67 -9.10
C SER A 373 -7.54 -19.67 -9.96
N GLY A 374 -7.64 -18.80 -10.97
CA GLY A 374 -8.86 -18.60 -11.72
C GLY A 374 -9.92 -17.71 -11.07
N LYS A 375 -9.67 -17.12 -9.91
CA LYS A 375 -10.70 -16.27 -9.30
C LYS A 375 -10.90 -14.93 -10.02
N MET A 376 -9.83 -14.44 -10.63
N MET A 376 -9.83 -14.38 -10.58
CA MET A 376 -9.84 -13.13 -11.28
CA MET A 376 -9.92 -13.09 -11.29
C MET A 376 -9.03 -13.21 -12.54
C MET A 376 -9.01 -13.15 -12.49
N ASP A 377 -9.27 -12.28 -13.45
CA ASP A 377 -8.48 -12.19 -14.62
C ASP A 377 -7.40 -11.09 -14.55
N GLU A 378 -6.57 -11.09 -15.58
CA GLU A 378 -5.45 -10.16 -15.70
C GLU A 378 -5.85 -8.70 -15.57
N ASN A 379 -7.02 -8.34 -16.12
CA ASN A 379 -7.48 -6.98 -16.06
C ASN A 379 -7.87 -6.57 -14.60
N GLU A 380 -8.54 -7.45 -13.89
CA GLU A 380 -8.87 -7.21 -12.53
C GLU A 380 -7.59 -7.10 -11.73
N PHE A 381 -6.60 -7.94 -12.04
CA PHE A 381 -5.29 -7.84 -11.39
C PHE A 381 -4.64 -6.45 -11.49
N VAL A 382 -4.69 -5.84 -12.66
CA VAL A 382 -4.21 -4.49 -12.81
C VAL A 382 -5.03 -3.55 -11.95
N ALA A 383 -6.36 -3.70 -11.95
CA ALA A 383 -7.18 -2.86 -11.10
C ALA A 383 -6.70 -2.86 -9.63
N VAL A 384 -6.54 -4.03 -9.05
CA VAL A 384 -6.29 -4.10 -7.64
C VAL A 384 -4.81 -3.90 -7.25
N THR A 385 -3.91 -3.82 -8.25
CA THR A 385 -2.53 -3.59 -8.02
C THR A 385 -2.06 -2.21 -8.41
N SER A 386 -2.78 -1.48 -9.26
CA SER A 386 -2.38 -0.09 -9.59
C SER A 386 -3.54 0.82 -9.84
N THR A 387 -4.47 0.38 -10.66
CA THR A 387 -5.47 1.34 -11.16
C THR A 387 -6.44 1.96 -10.13
N ASN A 388 -7.00 1.08 -9.29
CA ASN A 388 -7.89 1.54 -8.29
C ASN A 388 -7.18 2.48 -7.34
N ALA A 389 -5.96 2.16 -6.98
CA ALA A 389 -5.15 3.03 -6.15
C ALA A 389 -4.98 4.42 -6.74
N ALA A 390 -4.70 4.44 -8.04
CA ALA A 390 -4.50 5.70 -8.76
C ALA A 390 -5.80 6.52 -8.74
N LYS A 391 -6.93 5.85 -8.91
CA LYS A 391 -8.22 6.57 -8.93
C LYS A 391 -8.62 7.08 -7.50
N ILE A 392 -8.39 6.25 -6.49
CA ILE A 392 -8.69 6.62 -5.09
C ILE A 392 -7.89 7.83 -4.56
N PHE A 393 -6.60 7.81 -4.85
CA PHE A 393 -5.65 8.81 -4.35
C PHE A 393 -5.33 9.95 -5.36
N ASN A 394 -5.97 9.90 -6.53
CA ASN A 394 -6.07 11.02 -7.50
C ASN A 394 -4.83 11.23 -8.39
N PHE A 395 -4.31 10.15 -8.92
CA PHE A 395 -3.26 10.24 -9.93
C PHE A 395 -3.48 9.27 -11.10
N TYR A 396 -4.75 9.07 -11.46
CA TYR A 396 -5.20 8.34 -12.65
C TYR A 396 -5.54 9.35 -13.76
N PRO A 397 -5.08 9.18 -15.00
CA PRO A 397 -4.31 8.04 -15.47
C PRO A 397 -2.81 8.18 -15.55
N ARG A 398 -2.25 9.12 -14.82
CA ARG A 398 -0.80 9.27 -14.78
C ARG A 398 -0.15 7.96 -14.42
N LYS A 399 -0.65 7.32 -13.37
CA LYS A 399 -0.32 5.92 -13.04
C LYS A 399 -1.52 4.98 -13.29
N GLY A 400 -1.23 3.71 -13.22
CA GLY A 400 -2.26 2.66 -13.32
C GLY A 400 -2.86 2.49 -14.71
N ARG A 401 -2.20 3.01 -15.78
CA ARG A 401 -2.75 2.87 -17.16
C ARG A 401 -1.68 2.94 -18.22
N VAL A 402 -1.66 1.95 -19.11
CA VAL A 402 -0.80 2.03 -20.31
C VAL A 402 -1.61 2.83 -21.33
N ALA A 403 -1.32 4.13 -21.37
CA ALA A 403 -2.02 5.07 -22.24
C ALA A 403 -1.07 6.19 -22.61
N VAL A 404 -1.27 6.72 -23.80
CA VAL A 404 -0.47 7.83 -24.30
C VAL A 404 -0.58 8.99 -23.33
N GLY A 405 0.56 9.48 -22.89
CA GLY A 405 0.64 10.62 -22.00
C GLY A 405 0.84 10.22 -20.54
N SER A 406 0.65 8.94 -20.21
CA SER A 406 0.85 8.44 -18.87
C SER A 406 2.34 8.21 -18.62
N ASP A 407 2.70 8.07 -17.35
CA ASP A 407 4.07 7.86 -16.97
C ASP A 407 4.45 6.49 -17.44
N ALA A 408 5.70 6.38 -17.87
CA ALA A 408 6.22 5.14 -18.35
C ALA A 408 6.75 4.33 -17.16
N ASP A 409 5.80 3.78 -16.39
CA ASP A 409 6.05 2.86 -15.29
C ASP A 409 5.40 1.61 -15.75
N LEU A 410 6.17 0.60 -16.11
CA LEU A 410 5.64 -0.51 -16.89
C LEU A 410 6.29 -1.77 -16.40
N VAL A 411 5.52 -2.85 -16.35
CA VAL A 411 6.05 -4.16 -16.00
C VAL A 411 5.82 -5.08 -17.19
N ILE A 412 6.90 -5.71 -17.65
CA ILE A 412 6.77 -6.80 -18.57
C ILE A 412 6.66 -8.06 -17.74
N TRP A 413 5.45 -8.60 -17.72
CA TRP A 413 4.98 -9.62 -16.78
C TRP A 413 4.94 -10.98 -17.47
N ASN A 414 5.48 -11.98 -16.82
CA ASN A 414 5.48 -13.35 -17.30
C ASN A 414 4.55 -14.24 -16.46
N PRO A 415 3.34 -14.50 -16.99
CA PRO A 415 2.40 -15.35 -16.20
C PRO A 415 2.83 -16.80 -15.99
N LYS A 416 3.78 -17.28 -16.76
CA LYS A 416 4.26 -18.64 -16.59
C LYS A 416 5.45 -18.80 -15.70
N ALA A 417 6.06 -17.73 -15.23
CA ALA A 417 7.21 -17.87 -14.37
C ALA A 417 6.73 -18.36 -13.00
N THR A 418 7.60 -19.06 -12.30
CA THR A 418 7.30 -19.50 -10.94
C THR A 418 8.53 -19.17 -10.11
N LYS A 419 8.34 -18.74 -8.87
CA LYS A 419 9.47 -18.42 -7.97
C LYS A 419 9.09 -18.87 -6.60
N ILE A 420 10.05 -19.43 -5.84
CA ILE A 420 9.89 -19.75 -4.43
C ILE A 420 10.47 -18.58 -3.68
N ILE A 421 9.66 -17.96 -2.82
CA ILE A 421 10.13 -16.84 -2.03
C ILE A 421 11.07 -17.36 -0.92
N SER A 422 12.18 -16.67 -0.72
CA SER A 422 13.12 -17.02 0.34
C SER A 422 13.93 -15.84 0.81
N ALA A 423 14.25 -15.84 2.09
CA ALA A 423 15.25 -14.87 2.56
C ALA A 423 16.62 -15.02 1.90
N LYS A 424 16.89 -16.23 1.39
CA LYS A 424 18.12 -16.43 0.61
C LYS A 424 18.22 -15.52 -0.59
N THR A 425 17.10 -15.17 -1.24
CA THR A 425 17.17 -14.33 -2.46
C THR A 425 16.46 -12.99 -2.39
N HIS A 426 15.76 -12.69 -1.30
CA HIS A 426 15.00 -11.44 -1.23
C HIS A 426 15.89 -10.22 -1.14
N ASN A 427 15.34 -9.05 -1.47
CA ASN A 427 16.10 -7.81 -1.53
C ASN A 427 15.88 -6.96 -0.28
N LEU A 428 15.87 -7.62 0.89
CA LEU A 428 15.60 -6.96 2.19
C LEU A 428 16.82 -7.11 3.08
N ASN A 429 16.83 -6.27 4.09
CA ASN A 429 17.91 -6.22 5.04
C ASN A 429 17.64 -7.06 6.32
N VAL A 430 16.66 -7.95 6.28
CA VAL A 430 16.32 -8.80 7.40
C VAL A 430 16.53 -10.24 7.01
N GLU A 431 16.61 -11.10 8.02
CA GLU A 431 17.01 -12.48 7.87
C GLU A 431 15.84 -13.42 7.57
N TYR A 432 14.62 -13.06 8.03
CA TYR A 432 13.42 -13.86 7.82
C TYR A 432 12.53 -13.23 6.79
N ASN A 433 11.81 -14.10 6.09
CA ASN A 433 10.74 -13.69 5.19
C ASN A 433 9.44 -14.44 5.57
N ILE A 434 8.36 -13.72 5.86
CA ILE A 434 7.14 -14.39 6.28
C ILE A 434 6.57 -15.27 5.15
N PHE A 435 7.07 -15.16 3.92
CA PHE A 435 6.66 -16.06 2.83
C PHE A 435 7.68 -17.15 2.45
N GLU A 436 8.57 -17.46 3.38
CA GLU A 436 9.59 -18.43 3.13
C GLU A 436 8.97 -19.70 2.64
N GLY A 437 9.47 -20.10 1.48
CA GLY A 437 9.03 -21.35 0.83
C GLY A 437 7.73 -21.28 0.07
N VAL A 438 7.07 -20.14 -0.05
CA VAL A 438 5.82 -20.05 -0.78
C VAL A 438 6.22 -19.95 -2.22
N GLU A 439 5.56 -20.73 -3.06
CA GLU A 439 5.81 -20.69 -4.51
C GLU A 439 4.71 -19.86 -5.18
N CYS A 440 5.08 -18.86 -5.97
CA CYS A 440 4.11 -18.05 -6.73
C CYS A 440 4.31 -18.19 -8.21
N ARG A 441 3.19 -18.27 -8.91
CA ARG A 441 3.11 -18.20 -10.36
C ARG A 441 2.93 -16.76 -10.73
N GLY A 442 3.66 -16.34 -11.75
CA GLY A 442 3.60 -14.97 -12.21
C GLY A 442 4.72 -14.17 -11.64
N ALA A 443 5.49 -13.52 -12.49
CA ALA A 443 6.59 -12.66 -12.05
C ALA A 443 7.02 -11.69 -13.08
N PRO A 444 7.69 -10.61 -12.64
CA PRO A 444 8.20 -9.64 -13.62
C PRO A 444 9.39 -10.17 -14.32
N ALA A 445 9.43 -9.93 -15.62
CA ALA A 445 10.57 -10.17 -16.47
C ALA A 445 11.42 -8.88 -16.59
N VAL A 446 10.74 -7.76 -16.83
CA VAL A 446 11.32 -6.44 -16.93
C VAL A 446 10.46 -5.43 -16.16
N VAL A 447 11.10 -4.51 -15.44
CA VAL A 447 10.42 -3.42 -14.75
C VAL A 447 11.01 -2.15 -15.24
N ILE A 448 10.15 -1.21 -15.62
CA ILE A 448 10.55 0.08 -16.14
C ILE A 448 9.97 1.12 -15.23
N SER A 449 10.83 2.06 -14.80
CA SER A 449 10.43 3.16 -13.95
C SER A 449 10.93 4.48 -14.54
N GLN A 450 10.01 5.38 -14.78
CA GLN A 450 10.28 6.68 -15.41
C GLN A 450 10.91 6.50 -16.77
N GLY A 451 10.48 5.46 -17.47
CA GLY A 451 11.05 5.12 -18.76
C GLY A 451 12.44 4.54 -18.80
N ARG A 452 12.94 4.05 -17.67
CA ARG A 452 14.22 3.44 -17.63
C ARG A 452 14.08 2.08 -17.06
N VAL A 453 14.85 1.15 -17.58
CA VAL A 453 14.88 -0.21 -17.10
C VAL A 453 15.46 -0.30 -15.68
N ALA A 454 14.67 -0.82 -14.75
CA ALA A 454 15.11 -1.09 -13.37
C ALA A 454 15.42 -2.56 -13.11
N LEU A 455 14.79 -3.46 -13.85
CA LEU A 455 15.04 -4.87 -13.67
C LEU A 455 15.08 -5.50 -15.05
N GLU A 456 16.13 -6.27 -15.35
CA GLU A 456 16.21 -7.03 -16.62
C GLU A 456 17.15 -8.19 -16.44
N ASP A 457 16.79 -9.38 -16.96
CA ASP A 457 17.55 -10.60 -16.81
C ASP A 457 18.03 -10.85 -15.40
N GLY A 458 17.15 -10.63 -14.43
CA GLY A 458 17.45 -10.86 -13.02
C GLY A 458 18.39 -9.87 -12.34
N LYS A 459 18.73 -8.74 -12.98
CA LYS A 459 19.69 -7.74 -12.41
C LYS A 459 18.93 -6.46 -12.18
N MET A 460 19.19 -5.81 -11.05
CA MET A 460 18.60 -4.48 -10.74
C MET A 460 19.46 -3.30 -11.23
N PHE A 461 18.84 -2.21 -11.64
CA PHE A 461 19.57 -1.03 -12.06
C PHE A 461 18.83 0.07 -11.38
N VAL A 462 19.35 0.57 -10.26
CA VAL A 462 18.59 1.58 -9.51
C VAL A 462 19.43 2.80 -9.28
N THR A 463 18.73 3.94 -9.15
CA THR A 463 19.34 5.21 -8.85
C THR A 463 18.64 5.83 -7.65
N PRO A 464 19.15 5.61 -6.43
CA PRO A 464 18.56 6.22 -5.23
C PRO A 464 18.49 7.70 -5.40
N GLY A 465 17.32 8.29 -5.16
CA GLY A 465 17.09 9.69 -5.38
C GLY A 465 16.48 10.04 -6.74
N ALA A 466 16.44 9.12 -7.70
CA ALA A 466 15.74 9.41 -8.97
C ALA A 466 14.19 9.52 -8.79
N GLY A 467 13.66 8.79 -7.80
CA GLY A 467 12.23 8.77 -7.54
C GLY A 467 11.70 10.12 -7.18
N ARG A 468 10.55 10.48 -7.70
CA ARG A 468 9.97 11.76 -7.42
C ARG A 468 8.72 11.69 -6.55
N PHE A 469 8.54 12.73 -5.75
CA PHE A 469 7.27 13.00 -5.09
C PHE A 469 6.14 13.35 -6.06
N VAL A 470 5.01 12.66 -5.92
CA VAL A 470 3.84 12.81 -6.75
C VAL A 470 2.77 13.49 -5.90
N PRO A 471 2.47 14.76 -6.19
CA PRO A 471 1.50 15.45 -5.40
C PRO A 471 0.12 15.04 -5.85
N ARG A 472 -0.84 15.02 -4.92
CA ARG A 472 -2.18 14.48 -5.14
C ARG A 472 -3.24 15.51 -4.78
N LYS A 473 -4.02 15.96 -5.76
CA LYS A 473 -5.09 16.92 -5.51
C LYS A 473 -6.20 16.30 -4.67
N THR A 474 -6.89 17.17 -3.98
CA THR A 474 -8.09 16.84 -3.20
C THR A 474 -9.28 16.59 -4.11
N PHE A 475 -10.32 16.05 -3.50
CA PHE A 475 -11.56 15.72 -4.17
C PHE A 475 -11.39 14.79 -5.39
N PRO A 476 -10.67 13.65 -5.28
CA PRO A 476 -10.67 12.66 -6.41
C PRO A 476 -12.09 12.24 -6.75
N ASP A 477 -12.47 12.34 -8.02
CA ASP A 477 -13.84 12.03 -8.40
C ASP A 477 -14.33 10.65 -7.95
N PHE A 478 -13.45 9.67 -8.07
CA PHE A 478 -13.80 8.26 -7.80
C PHE A 478 -14.32 8.16 -6.37
N VAL A 479 -13.85 9.02 -5.47
CA VAL A 479 -14.30 9.07 -4.11
C VAL A 479 -15.43 10.07 -3.90
N TYR A 480 -15.21 11.29 -4.39
CA TYR A 480 -15.97 12.40 -3.93
C TYR A 480 -17.20 12.74 -4.70
N LYS A 481 -17.39 12.22 -5.89
CA LYS A 481 -18.67 12.54 -6.57
C LYS A 481 -19.83 12.12 -5.77
N ARG A 482 -19.78 10.91 -5.22
CA ARG A 482 -20.85 10.46 -4.32
C ARG A 482 -20.96 11.37 -3.08
N ILE A 483 -19.83 11.66 -2.45
CA ILE A 483 -19.78 12.42 -1.21
C ILE A 483 -20.39 13.78 -1.43
N LYS A 484 -20.00 14.48 -2.51
CA LYS A 484 -20.56 15.81 -2.81
C LYS A 484 -22.03 15.78 -3.14
N ALA A 485 -22.51 14.75 -3.86
CA ALA A 485 -23.97 14.62 -4.09
C ALA A 485 -24.74 14.51 -2.79
N ARG A 486 -24.19 13.70 -1.87
CA ARG A 486 -24.80 13.53 -0.56
C ARG A 486 -24.76 14.85 0.24
N ASN A 487 -23.69 15.59 0.16
CA ASN A 487 -23.69 16.96 0.77
C ASN A 487 -24.80 17.83 0.23
N ARG A 488 -24.95 17.87 -1.09
CA ARG A 488 -25.98 18.69 -1.72
C ARG A 488 -27.39 18.21 -1.33
N LEU A 489 -27.62 16.90 -1.30
CA LEU A 489 -28.91 16.39 -0.86
C LEU A 489 -29.23 16.75 0.59
N ALA A 490 -28.24 16.71 1.48
CA ALA A 490 -28.46 17.09 2.88
C ALA A 490 -28.92 18.55 2.94
N GLU A 491 -28.32 19.40 2.11
CA GLU A 491 -28.67 20.83 2.07
C GLU A 491 -30.09 21.01 1.57
N ILE A 492 -30.42 20.36 0.47
CA ILE A 492 -31.77 20.44 -0.11
C ILE A 492 -32.79 19.99 0.92
N HIS A 493 -32.46 18.93 1.67
CA HIS A 493 -33.42 18.38 2.61
C HIS A 493 -33.28 18.99 4.01
N GLY A 494 -32.54 20.11 4.15
CA GLY A 494 -32.35 20.76 5.43
C GLY A 494 -31.86 19.90 6.60
N VAL A 495 -30.94 18.95 6.35
CA VAL A 495 -30.34 18.07 7.42
C VAL A 495 -28.78 18.06 7.38
N PRO A 496 -28.11 17.54 8.46
CA PRO A 496 -26.62 17.57 8.49
C PRO A 496 -25.94 16.77 7.38
#